data_2YD1
#
_entry.id   2YD1
#
_cell.length_a   124.201
_cell.length_b   29.074
_cell.length_c   49.408
_cell.angle_alpha   90.00
_cell.angle_beta   107.29
_cell.angle_gamma   90.00
#
_symmetry.space_group_name_H-M   'C 1 2 1'
#
loop_
_entity.id
_entity.type
_entity.pdbx_description
1 polymer 'TYROSINE-PROTEIN PHOSPHATASE LAR'
2 non-polymer GLYCINE
3 water water
#
_entity_poly.entity_id   1
_entity_poly.type   'polypeptide(L)'
_entity_poly.pdbx_seq_one_letter_code
;ETGAHPPEIIRKPQNQGVRVGGVASFYCAARGDPPPSIVWRKNGKKVSGTQSRYTVLEQPGGISILRIEPVRAGRDDAPY
ECVAENGVGDAVSADATLTIYEGDKTPAGFPVITQGPGTRVIEVGHTVLMTCKAIGNPTPNIYWIKNQTKVDMSNPRYSL
KDGFLQIENSREEDQGKYECVAENSMGTEHSKATNLYVKVRRVGTKHHHHHH
;
_entity_poly.pdbx_strand_id   A
#
# COMPACT_ATOMS: atom_id res chain seq x y z
N HIS A 5 29.46 8.11 -2.99
CA HIS A 5 29.22 6.97 -2.11
C HIS A 5 28.08 6.10 -2.64
N PRO A 6 28.21 4.78 -2.51
CA PRO A 6 27.18 3.85 -2.97
C PRO A 6 25.87 4.05 -2.20
N PRO A 7 24.72 3.89 -2.90
CA PRO A 7 23.44 4.06 -2.23
C PRO A 7 23.12 2.90 -1.28
N GLU A 8 22.20 3.14 -0.36
CA GLU A 8 21.78 2.10 0.54
C GLU A 8 20.26 2.08 0.57
N ILE A 9 19.71 0.87 0.66
CA ILE A 9 18.28 0.70 0.75
C ILE A 9 17.94 0.64 2.23
N ILE A 10 17.17 1.61 2.70
CA ILE A 10 16.83 1.71 4.11
C ILE A 10 15.52 1.00 4.43
N ARG A 11 14.74 0.72 3.39
CA ARG A 11 13.54 -0.10 3.52
C ARG A 11 13.41 -1.01 2.31
N LYS A 12 13.60 -2.31 2.52
CA LYS A 12 13.52 -3.28 1.44
C LYS A 12 12.08 -3.66 1.19
N PRO A 13 11.74 -3.93 -0.08
CA PRO A 13 10.40 -4.45 -0.34
C PRO A 13 10.27 -5.86 0.25
N GLN A 14 9.03 -6.23 0.55
CA GLN A 14 8.73 -7.50 1.21
C GLN A 14 7.91 -8.37 0.27
N ASN A 15 8.12 -9.69 0.32
CA ASN A 15 7.28 -10.60 -0.45
C ASN A 15 5.83 -10.31 -0.13
N GLN A 16 4.97 -10.44 -1.14
CA GLN A 16 3.54 -10.19 -0.95
C GLN A 16 2.75 -11.38 -1.42
N GLY A 17 1.76 -11.80 -0.62
CA GLY A 17 0.81 -12.82 -1.03
C GLY A 17 -0.55 -12.12 -1.06
N VAL A 18 -1.19 -12.15 -2.21
CA VAL A 18 -2.43 -11.41 -2.46
CA VAL A 18 -2.44 -11.44 -2.40
C VAL A 18 -3.47 -12.28 -3.16
N ARG A 19 -4.75 -11.97 -2.98
CA ARG A 19 -5.78 -12.73 -3.67
C ARG A 19 -5.94 -12.21 -5.08
N VAL A 20 -6.26 -13.10 -6.01
CA VAL A 20 -6.53 -12.67 -7.39
C VAL A 20 -7.60 -11.58 -7.37
N GLY A 21 -7.43 -10.57 -8.21
CA GLY A 21 -8.38 -9.47 -8.28
C GLY A 21 -8.10 -8.38 -7.26
N GLY A 22 -7.17 -8.64 -6.34
CA GLY A 22 -6.88 -7.70 -5.27
C GLY A 22 -5.85 -6.65 -5.64
N VAL A 23 -5.31 -5.97 -4.63
CA VAL A 23 -4.26 -4.97 -4.84
C VAL A 23 -2.94 -5.46 -4.25
N ALA A 24 -1.85 -5.29 -5.00
CA ALA A 24 -0.54 -5.61 -4.46
C ALA A 24 0.30 -4.34 -4.46
N SER A 25 1.12 -4.19 -3.43
CA SER A 25 2.06 -3.08 -3.46
C SER A 25 3.36 -3.46 -2.79
N PHE A 26 4.45 -2.91 -3.31
CA PHE A 26 5.79 -3.07 -2.76
C PHE A 26 6.33 -1.70 -2.40
N TYR A 27 7.05 -1.61 -1.29
CA TYR A 27 7.66 -0.36 -0.87
C TYR A 27 9.16 -0.51 -0.87
N CYS A 28 9.84 0.53 -1.33
CA CYS A 28 11.28 0.60 -1.25
C CYS A 28 11.68 2.02 -0.88
N ALA A 29 12.71 2.14 -0.05
CA ALA A 29 13.27 3.46 0.24
C ALA A 29 14.77 3.39 0.22
N ALA A 30 15.39 4.38 -0.41
CA ALA A 30 16.83 4.42 -0.53
C ALA A 30 17.34 5.84 -0.36
N ARG A 31 18.61 5.95 -0.04
CA ARG A 31 19.24 7.24 0.11
C ARG A 31 20.71 7.09 -0.22
N GLY A 32 21.38 8.21 -0.41
CA GLY A 32 22.79 8.16 -0.72
C GLY A 32 23.25 9.51 -1.22
N ASP A 33 24.54 9.59 -1.49
CA ASP A 33 25.18 10.82 -1.99
C ASP A 33 26.11 10.37 -3.08
N PRO A 34 25.80 10.70 -4.34
CA PRO A 34 24.63 11.49 -4.73
C PRO A 34 23.32 10.73 -4.50
N PRO A 35 22.20 11.46 -4.42
CA PRO A 35 20.92 10.80 -4.12
C PRO A 35 20.57 9.76 -5.17
N PRO A 36 20.11 8.59 -4.73
CA PRO A 36 19.85 7.55 -5.72
C PRO A 36 18.47 7.71 -6.34
N SER A 37 18.29 7.15 -7.52
CA SER A 37 16.97 6.96 -8.10
C SER A 37 16.57 5.52 -7.84
N ILE A 38 15.28 5.25 -7.73
CA ILE A 38 14.79 3.89 -7.60
C ILE A 38 14.03 3.47 -8.84
N VAL A 39 14.31 2.27 -9.34
CA VAL A 39 13.48 1.68 -10.38
C VAL A 39 13.05 0.28 -9.93
N TRP A 40 11.92 -0.17 -10.49
CA TRP A 40 11.38 -1.50 -10.21
C TRP A 40 11.59 -2.40 -11.42
N ARG A 41 11.98 -3.64 -11.17
CA ARG A 41 12.14 -4.63 -12.23
C ARG A 41 11.21 -5.82 -11.97
N LYS A 42 10.69 -6.41 -13.04
CA LYS A 42 9.81 -7.58 -12.92
C LYS A 42 10.35 -8.59 -13.89
N ASN A 43 10.69 -9.78 -13.39
CA ASN A 43 11.37 -10.76 -14.22
C ASN A 43 12.58 -10.12 -14.91
N GLY A 44 13.25 -9.22 -14.19
CA GLY A 44 14.50 -8.63 -14.67
C GLY A 44 14.35 -7.44 -15.62
N LYS A 45 13.12 -7.11 -16.00
CA LYS A 45 12.86 -5.99 -16.90
C LYS A 45 12.26 -4.82 -16.14
N LYS A 46 12.59 -3.60 -16.55
CA LYS A 46 12.03 -2.41 -15.92
C LYS A 46 10.51 -2.38 -15.97
N VAL A 47 9.89 -2.03 -14.85
CA VAL A 47 8.45 -1.83 -14.81
C VAL A 47 8.18 -0.35 -15.06
N SER A 48 7.19 -0.06 -15.89
CA SER A 48 6.83 1.32 -16.14
C SER A 48 5.40 1.59 -15.69
N GLY A 49 5.21 2.70 -14.98
CA GLY A 49 3.90 3.13 -14.57
C GLY A 49 3.01 3.52 -15.75
N THR A 50 3.58 3.49 -16.95
CA THR A 50 2.80 3.82 -18.15
C THR A 50 1.87 2.69 -18.52
N GLN A 51 2.18 1.48 -18.07
CA GLN A 51 1.32 0.35 -18.38
C GLN A 51 0.14 0.29 -17.42
N SER A 52 -1.01 -0.16 -17.93
CA SER A 52 -2.22 -0.17 -17.16
C SER A 52 -2.06 -1.12 -15.98
N ARG A 53 -2.76 -0.79 -14.89
CA ARG A 53 -2.78 -1.62 -13.69
C ARG A 53 -1.52 -1.43 -12.86
N TYR A 54 -0.51 -0.77 -13.43
CA TYR A 54 0.74 -0.56 -12.71
C TYR A 54 0.94 0.90 -12.41
N THR A 55 1.27 1.22 -11.16
CA THR A 55 1.48 2.61 -10.77
C THR A 55 2.73 2.73 -9.91
N VAL A 56 3.58 3.68 -10.26
CA VAL A 56 4.77 3.93 -9.45
C VAL A 56 4.65 5.27 -8.77
N LEU A 57 4.65 5.24 -7.43
CA LEU A 57 4.46 6.45 -6.65
C LEU A 57 5.77 6.81 -5.96
N GLU A 58 6.22 8.05 -6.14
CA GLU A 58 7.38 8.49 -5.38
C GLU A 58 6.97 9.48 -4.31
N GLN A 59 7.68 9.45 -3.18
CA GLN A 59 7.42 10.35 -2.08
C GLN A 59 8.74 10.83 -1.49
N PRO A 60 8.73 12.00 -0.83
CA PRO A 60 9.94 12.51 -0.17
C PRO A 60 10.41 11.51 0.87
N GLY A 61 11.72 11.39 1.03
CA GLY A 61 12.30 10.39 1.90
C GLY A 61 12.90 9.26 1.10
N GLY A 62 12.98 9.46 -0.21
CA GLY A 62 13.57 8.47 -1.11
C GLY A 62 12.68 7.25 -1.26
N ILE A 63 11.37 7.45 -1.17
CA ILE A 63 10.42 6.34 -1.20
C ILE A 63 9.87 6.10 -2.60
N SER A 64 9.82 4.83 -2.99
CA SER A 64 9.10 4.44 -4.20
C SER A 64 8.13 3.30 -3.89
N ILE A 65 6.91 3.40 -4.43
CA ILE A 65 5.90 2.35 -4.25
C ILE A 65 5.45 1.82 -5.60
N LEU A 66 5.48 0.51 -5.77
CA LEU A 66 4.88 -0.10 -6.94
C LEU A 66 3.53 -0.68 -6.53
N ARG A 67 2.47 -0.19 -7.16
CA ARG A 67 1.13 -0.66 -6.86
C ARG A 67 0.53 -1.29 -8.11
N ILE A 68 -0.07 -2.47 -7.92
CA ILE A 68 -0.65 -3.23 -9.01
C ILE A 68 -2.12 -3.51 -8.70
N GLU A 69 -3.02 -3.19 -9.63
CA GLU A 69 -4.43 -3.50 -9.41
C GLU A 69 -5.29 -3.37 -10.66
N PRO A 70 -6.18 -4.36 -10.87
CA PRO A 70 -6.31 -5.54 -10.02
C PRO A 70 -5.26 -6.56 -10.42
N VAL A 71 -4.78 -7.38 -9.49
CA VAL A 71 -3.74 -8.35 -9.86
C VAL A 71 -4.37 -9.50 -10.64
N ARG A 72 -3.62 -10.00 -11.63
CA ARG A 72 -4.08 -11.07 -12.49
C ARG A 72 -3.15 -12.25 -12.33
N ALA A 73 -3.74 -13.42 -12.08
CA ALA A 73 -2.98 -14.66 -12.05
C ALA A 73 -2.38 -14.90 -13.43
N GLY A 74 -1.16 -15.40 -13.47
CA GLY A 74 -0.50 -15.68 -14.74
C GLY A 74 0.20 -14.47 -15.34
N ARG A 75 -0.20 -13.27 -14.90
CA ARG A 75 0.36 -12.05 -15.46
C ARG A 75 1.26 -11.30 -14.47
N ASP A 76 0.86 -11.21 -13.20
CA ASP A 76 1.56 -10.33 -12.26
C ASP A 76 2.41 -11.06 -11.21
N ASP A 77 2.18 -12.35 -11.04
CA ASP A 77 2.97 -13.09 -10.06
C ASP A 77 4.36 -13.39 -10.61
N ALA A 78 5.37 -12.82 -9.95
CA ALA A 78 6.73 -12.81 -10.46
C ALA A 78 7.66 -12.37 -9.37
N PRO A 79 8.97 -12.62 -9.55
CA PRO A 79 9.93 -11.94 -8.67
C PRO A 79 10.14 -10.50 -9.15
N TYR A 80 9.99 -9.56 -8.22
CA TYR A 80 10.27 -8.17 -8.54
C TYR A 80 11.58 -7.78 -7.88
N GLU A 81 12.11 -6.62 -8.26
CA GLU A 81 13.28 -6.04 -7.60
C GLU A 81 13.14 -4.54 -7.48
N CYS A 82 13.60 -4.02 -6.34
CA CYS A 82 13.81 -2.59 -6.18
C CYS A 82 15.27 -2.38 -6.50
N VAL A 83 15.59 -1.44 -7.41
CA VAL A 83 16.98 -1.15 -7.74
C VAL A 83 17.26 0.33 -7.50
N ALA A 84 18.24 0.61 -6.65
CA ALA A 84 18.60 1.99 -6.34
C ALA A 84 19.96 2.26 -6.98
N GLU A 85 20.03 3.25 -7.87
CA GLU A 85 21.26 3.61 -8.56
C GLU A 85 21.61 5.06 -8.26
N ASN A 86 22.90 5.35 -8.13
CA ASN A 86 23.32 6.73 -7.87
C ASN A 86 23.67 7.53 -9.12
N GLY A 87 23.69 6.86 -10.27
CA GLY A 87 23.99 7.49 -11.55
C GLY A 87 25.46 7.78 -11.78
N VAL A 88 26.31 7.36 -10.84
CA VAL A 88 27.76 7.52 -10.99
C VAL A 88 28.51 6.19 -10.89
N GLY A 89 27.80 5.07 -11.04
CA GLY A 89 28.48 3.78 -11.13
C GLY A 89 28.14 2.74 -10.07
N ASP A 90 27.32 3.09 -9.08
CA ASP A 90 26.94 2.15 -8.02
C ASP A 90 25.45 1.84 -8.03
N ALA A 91 25.11 0.61 -7.72
CA ALA A 91 23.71 0.25 -7.53
C ALA A 91 23.58 -0.81 -6.45
N VAL A 92 22.39 -0.89 -5.86
CA VAL A 92 22.06 -1.95 -4.93
C VAL A 92 20.64 -2.40 -5.24
N SER A 93 20.32 -3.66 -4.96
CA SER A 93 18.96 -4.08 -5.24
C SER A 93 18.47 -5.03 -4.18
N ALA A 94 17.16 -5.13 -4.09
CA ALA A 94 16.51 -6.06 -3.14
C ALA A 94 15.35 -6.76 -3.82
N ASP A 95 15.23 -8.06 -3.60
CA ASP A 95 14.22 -8.87 -4.27
C ASP A 95 12.97 -8.98 -3.42
N ALA A 96 11.82 -9.09 -4.09
CA ALA A 96 10.57 -9.46 -3.45
C ALA A 96 9.66 -10.10 -4.48
N THR A 97 8.92 -11.12 -4.07
CA THR A 97 8.09 -11.85 -5.00
C THR A 97 6.62 -11.54 -4.73
N LEU A 98 5.82 -11.46 -5.80
CA LEU A 98 4.35 -11.41 -5.65
C LEU A 98 3.80 -12.79 -5.89
N THR A 99 3.17 -13.37 -4.86
CA THR A 99 2.46 -14.63 -4.98
C THR A 99 0.96 -14.35 -5.02
N ILE A 100 0.27 -14.94 -5.98
CA ILE A 100 -1.16 -14.68 -6.16
C ILE A 100 -1.95 -15.95 -5.86
N TYR A 101 -2.98 -15.81 -5.05
CA TYR A 101 -3.78 -16.95 -4.63
C TYR A 101 -5.15 -16.93 -5.27
N GLU A 102 -5.47 -17.96 -6.05
CA GLU A 102 -6.79 -18.09 -6.63
C GLU A 102 -7.73 -18.80 -5.66
N GLY A 103 -9.02 -18.48 -5.75
CA GLY A 103 -10.04 -19.17 -4.98
C GLY A 103 -9.72 -19.32 -3.50
N ASP A 104 -9.86 -20.54 -2.99
CA ASP A 104 -9.62 -20.78 -1.56
C ASP A 104 -8.20 -21.28 -1.28
N LYS A 105 -7.31 -21.12 -2.25
CA LYS A 105 -5.91 -21.52 -2.08
C LYS A 105 -5.08 -20.53 -1.26
N THR A 106 -5.72 -19.67 -0.49
CA THR A 106 -4.97 -18.80 0.41
C THR A 106 -4.38 -19.57 1.57
N PRO A 107 -3.22 -19.13 2.07
CA PRO A 107 -2.65 -19.73 3.28
C PRO A 107 -3.66 -19.64 4.43
N ALA A 108 -3.65 -20.62 5.32
CA ALA A 108 -4.50 -20.57 6.49
C ALA A 108 -4.09 -19.36 7.33
N GLY A 109 -5.09 -18.57 7.75
CA GLY A 109 -4.80 -17.41 8.58
C GLY A 109 -4.64 -16.15 7.77
N PHE A 110 -4.77 -16.25 6.45
CA PHE A 110 -4.77 -15.07 5.55
C PHE A 110 -5.82 -14.02 5.97
N PRO A 111 -5.42 -12.74 6.02
CA PRO A 111 -6.36 -11.73 6.53
C PRO A 111 -7.67 -11.68 5.73
N VAL A 112 -8.76 -11.55 6.46
CA VAL A 112 -10.09 -11.39 5.88
C VAL A 112 -10.64 -10.08 6.40
N ILE A 113 -11.07 -9.19 5.50
CA ILE A 113 -11.73 -7.95 5.91
C ILE A 113 -13.24 -8.22 5.84
N THR A 114 -13.88 -8.33 7.00
CA THR A 114 -15.31 -8.63 7.05
C THR A 114 -16.17 -7.38 6.85
N GLN A 115 -15.62 -6.22 7.16
CA GLN A 115 -16.28 -4.95 6.88
C GLN A 115 -15.23 -3.88 6.61
N GLY A 116 -15.25 -3.33 5.41
CA GLY A 116 -14.32 -2.27 5.06
C GLY A 116 -14.98 -0.93 5.28
N PRO A 117 -14.27 0.15 4.95
CA PRO A 117 -14.90 1.48 5.04
C PRO A 117 -16.05 1.55 4.04
N GLY A 118 -17.14 2.20 4.43
CA GLY A 118 -18.24 2.36 3.50
C GLY A 118 -18.33 3.80 3.05
N THR A 119 -19.03 4.05 1.94
CA THR A 119 -19.32 5.41 1.52
C THR A 119 -19.94 6.20 2.68
N ARG A 120 -19.34 7.35 2.98
CA ARG A 120 -19.76 8.17 4.10
C ARG A 120 -19.82 9.62 3.69
N VAL A 121 -20.76 10.34 4.27
CA VAL A 121 -20.80 11.79 4.19
C VAL A 121 -20.64 12.29 5.61
N ILE A 122 -19.79 13.28 5.81
CA ILE A 122 -19.59 13.84 7.14
C ILE A 122 -19.72 15.36 7.05
N GLU A 123 -20.27 16.00 8.08
CA GLU A 123 -20.35 17.46 8.10
C GLU A 123 -19.06 18.08 8.60
N VAL A 124 -18.66 19.19 8.00
CA VAL A 124 -17.45 19.88 8.46
C VAL A 124 -17.50 20.08 9.98
N GLY A 125 -16.37 19.84 10.64
CA GLY A 125 -16.27 20.01 12.09
C GLY A 125 -16.71 18.80 12.89
N HIS A 126 -17.28 17.80 12.20
CA HIS A 126 -17.76 16.60 12.87
C HIS A 126 -16.71 15.51 12.78
N THR A 127 -16.80 14.52 13.66
CA THR A 127 -15.86 13.40 13.66
C THR A 127 -16.43 12.21 12.90
N VAL A 128 -15.60 11.57 12.07
CA VAL A 128 -16.01 10.35 11.40
C VAL A 128 -15.11 9.20 11.86
N LEU A 129 -15.71 8.02 12.01
CA LEU A 129 -14.94 6.83 12.37
C LEU A 129 -15.16 5.85 11.25
N MET A 130 -14.10 5.55 10.52
CA MET A 130 -14.21 4.64 9.40
C MET A 130 -13.86 3.25 9.85
N THR A 131 -14.73 2.31 9.51
CA THR A 131 -14.61 0.95 9.98
C THR A 131 -13.69 0.14 9.10
N CYS A 132 -12.84 -0.63 9.76
CA CYS A 132 -12.12 -1.71 9.10
C CYS A 132 -12.09 -2.89 10.05
N LYS A 133 -12.91 -3.89 9.75
CA LYS A 133 -12.98 -5.09 10.58
C LYS A 133 -12.30 -6.22 9.83
N ALA A 134 -11.25 -6.77 10.43
CA ALA A 134 -10.46 -7.79 9.79
C ALA A 134 -10.07 -8.87 10.78
N ILE A 135 -9.89 -10.09 10.28
CA ILE A 135 -9.47 -11.19 11.14
C ILE A 135 -8.30 -11.87 10.45
N GLY A 136 -7.48 -12.57 11.23
CA GLY A 136 -6.38 -13.31 10.64
C GLY A 136 -5.57 -14.03 11.70
N ASN A 137 -4.66 -14.88 11.27
CA ASN A 137 -3.69 -15.47 12.18
C ASN A 137 -2.33 -15.50 11.52
N PRO A 138 -1.39 -14.69 12.04
CA PRO A 138 -1.49 -13.83 13.22
C PRO A 138 -2.54 -12.72 13.08
N THR A 139 -2.93 -12.11 14.20
CA THR A 139 -3.80 -10.95 14.18
C THR A 139 -3.25 -9.89 13.23
N PRO A 140 -4.08 -9.44 12.28
CA PRO A 140 -3.57 -8.53 11.25
C PRO A 140 -3.22 -7.14 11.78
N ASN A 141 -2.22 -6.54 11.14
CA ASN A 141 -1.95 -5.12 11.28
C ASN A 141 -2.89 -4.40 10.33
N ILE A 142 -3.43 -3.26 10.75
CA ILE A 142 -4.29 -2.47 9.87
C ILE A 142 -3.66 -1.11 9.60
N TYR A 143 -3.62 -0.70 8.35
CA TYR A 143 -3.30 0.69 8.06
C TYR A 143 -4.20 1.26 6.98
N TRP A 144 -4.20 2.59 6.87
CA TRP A 144 -5.14 3.30 6.00
C TRP A 144 -4.45 4.06 4.87
N ILE A 145 -5.07 4.03 3.70
CA ILE A 145 -4.58 4.68 2.49
C ILE A 145 -5.65 5.65 2.02
N LYS A 146 -5.26 6.86 1.63
CA LYS A 146 -6.21 7.70 0.91
C LYS A 146 -5.62 8.03 -0.46
N ASN A 147 -6.41 7.87 -1.52
CA ASN A 147 -5.95 8.23 -2.86
C ASN A 147 -4.62 7.54 -3.21
N GLN A 148 -4.54 6.26 -2.88
CA GLN A 148 -3.39 5.39 -3.19
C GLN A 148 -2.16 5.55 -2.29
N THR A 149 -2.12 6.57 -1.44
CA THR A 149 -0.98 6.72 -0.54
C THR A 149 -1.35 6.62 0.94
N LYS A 150 -0.44 6.09 1.75
CA LYS A 150 -0.71 5.94 3.17
C LYS A 150 -1.20 7.24 3.78
N VAL A 151 -2.21 7.13 4.63
CA VAL A 151 -2.68 8.27 5.37
C VAL A 151 -1.60 8.69 6.37
N ASP A 152 -1.33 9.99 6.42
CA ASP A 152 -0.31 10.52 7.32
C ASP A 152 -0.87 10.58 8.73
N MET A 153 -0.49 9.60 9.55
CA MET A 153 -1.09 9.47 10.87
C MET A 153 -0.49 10.42 11.91
N SER A 154 0.51 11.20 11.49
CA SER A 154 1.09 12.22 12.36
C SER A 154 0.19 13.45 12.46
N ASN A 155 -0.75 13.55 11.52
CA ASN A 155 -1.81 14.55 11.61
C ASN A 155 -2.53 14.38 12.93
N PRO A 156 -2.64 15.45 13.73
CA PRO A 156 -3.20 15.30 15.08
C PRO A 156 -4.70 14.96 15.09
N ARG A 157 -5.38 15.14 13.96
CA ARG A 157 -6.81 14.85 13.90
C ARG A 157 -7.07 13.42 13.46
N TYR A 158 -6.03 12.71 13.03
CA TYR A 158 -6.17 11.33 12.61
C TYR A 158 -5.63 10.36 13.65
N SER A 159 -6.40 9.33 13.97
CA SER A 159 -5.93 8.28 14.89
C SER A 159 -6.58 6.94 14.61
N LEU A 160 -5.97 5.86 15.09
CA LEU A 160 -6.54 4.53 14.95
C LEU A 160 -7.20 4.09 16.25
N LYS A 161 -8.41 3.55 16.15
CA LYS A 161 -9.11 2.95 17.29
C LYS A 161 -9.41 1.50 16.96
N ASP A 162 -8.62 0.57 17.52
CA ASP A 162 -8.79 -0.85 17.22
C ASP A 162 -8.87 -1.05 15.70
N GLY A 163 -8.03 -0.35 14.95
CA GLY A 163 -8.00 -0.49 13.51
C GLY A 163 -8.90 0.45 12.71
N PHE A 164 -9.88 1.06 13.36
CA PHE A 164 -10.75 2.01 12.70
C PHE A 164 -10.05 3.37 12.57
N LEU A 165 -10.29 4.09 11.48
CA LEU A 165 -9.66 5.40 11.29
C LEU A 165 -10.59 6.48 11.81
N GLN A 166 -10.13 7.24 12.79
CA GLN A 166 -10.90 8.37 13.28
C GLN A 166 -10.31 9.67 12.79
N ILE A 167 -11.18 10.51 12.22
CA ILE A 167 -10.80 11.83 11.77
C ILE A 167 -11.66 12.81 12.54
N GLU A 168 -11.04 13.57 13.44
CA GLU A 168 -11.79 14.52 14.27
C GLU A 168 -11.84 15.88 13.59
N ASN A 169 -12.88 16.66 13.88
CA ASN A 169 -12.98 18.02 13.38
C ASN A 169 -12.74 18.05 11.88
N SER A 170 -13.55 17.30 11.14
CA SER A 170 -13.28 17.08 9.72
CA SER A 170 -13.30 17.08 9.72
C SER A 170 -13.23 18.39 8.94
N ARG A 171 -12.38 18.40 7.90
CA ARG A 171 -12.21 19.55 7.03
C ARG A 171 -12.43 19.09 5.60
N GLU A 172 -12.78 20.01 4.71
CA GLU A 172 -13.00 19.63 3.32
C GLU A 172 -11.79 18.88 2.75
N GLU A 173 -10.60 19.22 3.22
CA GLU A 173 -9.35 18.61 2.76
C GLU A 173 -9.32 17.10 2.99
N ASP A 174 -10.10 16.63 3.96
CA ASP A 174 -10.08 15.22 4.34
C ASP A 174 -10.79 14.33 3.33
N GLN A 175 -11.54 14.95 2.41
CA GLN A 175 -12.32 14.16 1.45
C GLN A 175 -11.39 13.35 0.57
N GLY A 176 -11.89 12.24 0.06
CA GLY A 176 -11.09 11.39 -0.79
C GLY A 176 -11.52 9.93 -0.78
N LYS A 177 -10.77 9.11 -1.49
CA LYS A 177 -11.07 7.69 -1.59
C LYS A 177 -10.17 6.91 -0.63
N TYR A 178 -10.76 6.29 0.37
CA TYR A 178 -10.03 5.60 1.42
C TYR A 178 -10.17 4.10 1.29
N GLU A 179 -9.12 3.39 1.66
CA GLU A 179 -9.20 1.95 1.79
C GLU A 179 -8.37 1.57 3.00
N CYS A 180 -8.71 0.46 3.66
CA CYS A 180 -7.81 -0.08 4.68
C CYS A 180 -7.09 -1.30 4.15
N VAL A 181 -5.97 -1.59 4.79
CA VAL A 181 -5.14 -2.74 4.39
C VAL A 181 -4.94 -3.59 5.62
N ALA A 182 -5.26 -4.88 5.51
CA ALA A 182 -5.05 -5.81 6.62
C ALA A 182 -3.91 -6.73 6.22
N GLU A 183 -2.87 -6.78 7.05
CA GLU A 183 -1.65 -7.51 6.70
C GLU A 183 -1.16 -8.40 7.86
N ASN A 184 -0.67 -9.59 7.53
CA ASN A 184 0.07 -10.40 8.48
C ASN A 184 1.10 -11.23 7.73
N SER A 185 1.81 -12.09 8.44
CA SER A 185 2.87 -12.89 7.84
C SER A 185 2.35 -13.80 6.72
N MET A 186 1.04 -14.03 6.67
CA MET A 186 0.46 -14.93 5.68
C MET A 186 -0.03 -14.24 4.40
N GLY A 187 -0.25 -12.93 4.44
CA GLY A 187 -0.71 -12.24 3.25
C GLY A 187 -1.25 -10.86 3.53
N THR A 188 -1.68 -10.17 2.46
CA THR A 188 -2.14 -8.79 2.54
C THR A 188 -3.46 -8.62 1.77
N GLU A 189 -4.42 -7.97 2.41
CA GLU A 189 -5.71 -7.73 1.77
C GLU A 189 -6.05 -6.25 1.86
N HIS A 190 -6.34 -5.64 0.71
CA HIS A 190 -6.86 -4.26 0.67
C HIS A 190 -8.38 -4.29 0.61
N SER A 191 -9.05 -3.41 1.34
CA SER A 191 -10.50 -3.34 1.26
C SER A 191 -10.84 -2.69 -0.07
N LYS A 192 -12.10 -2.75 -0.49
CA LYS A 192 -12.50 -1.92 -1.60
C LYS A 192 -12.40 -0.47 -1.12
N ALA A 193 -12.08 0.43 -2.04
CA ALA A 193 -11.92 1.85 -1.72
C ALA A 193 -13.25 2.55 -1.81
N THR A 194 -13.50 3.47 -0.87
CA THR A 194 -14.78 4.21 -0.87
C THR A 194 -14.59 5.71 -0.61
N ASN A 195 -15.53 6.49 -1.12
CA ASN A 195 -15.47 7.93 -0.98
C ASN A 195 -15.95 8.46 0.36
N LEU A 196 -15.15 9.33 0.97
CA LEU A 196 -15.63 10.16 2.07
C LEU A 196 -15.94 11.53 1.48
N TYR A 197 -17.18 11.97 1.64
CA TYR A 197 -17.55 13.31 1.22
C TYR A 197 -17.70 14.16 2.46
N VAL A 198 -17.20 15.38 2.39
CA VAL A 198 -17.30 16.32 3.50
C VAL A 198 -18.23 17.45 3.04
N LYS A 199 -19.35 17.58 3.74
CA LYS A 199 -20.41 18.48 3.36
C LYS A 199 -20.19 19.82 4.07
N VAL A 200 -20.13 20.90 3.30
CA VAL A 200 -19.88 22.22 3.86
C VAL A 200 -21.14 23.09 3.86
N GLY B . -4.69 -4.36 -18.26
CA GLY B . -4.86 -5.67 -18.84
C GLY B . -3.60 -6.50 -18.70
O GLY B . -3.61 -7.71 -18.85
OXT GLY B . -2.54 -5.94 -18.42
#